data_2QT0
#
_entry.id   2QT0
#
_cell.length_a   97.025
_cell.length_b   97.025
_cell.length_c   44.801
_cell.angle_alpha   90.000
_cell.angle_beta   90.000
_cell.angle_gamma   90.000
#
_symmetry.space_group_name_H-M   'P 41 21 2'
#
loop_
_entity.id
_entity.type
_entity.pdbx_description
1 polymer 'Nicotinamide riboside kinase 1'
2 non-polymer 'MAGNESIUM ION'
3 non-polymer 'PHOSPHOAMINOPHOSPHONIC ACID-ADENYLATE ESTER'
4 non-polymer 'Nicotinamide riboside'
5 water water
#
_entity_poly.entity_id   1
_entity_poly.type   'polypeptide(L)'
_entity_poly.pdbx_seq_one_letter_code
;(MSE)GSSHHHHHHSSGLVPRGSKTFIIGISGVTNSGKTTLAKNLQKHLPNCSVISQDDFFKPESEIETDKNGFLQYDVL
EALN(MSE)EK(MSE)(MSE)SAISCW(MSE)ESARHSVVSTDQESAEEIPILIIEGFLLFNYKPLDTIWNRSYFLTIPY
EECKRRRSTRVYQPPDSPGYFDGHVWP(MSE)YLKYRQE(MSE)QDITWEVVYLDGTKSEEDLFLQVYEDLIQEL
;
_entity_poly.pdbx_strand_id   A
#
loop_
_chem_comp.id
_chem_comp.type
_chem_comp.name
_chem_comp.formula
ANP non-polymer 'PHOSPHOAMINOPHOSPHONIC ACID-ADENYLATE ESTER' 'C10 H17 N6 O12 P3'
MG non-polymer 'MAGNESIUM ION' 'Mg 2'
NNR non-polymer 'Nicotinamide riboside' 'C11 H15 N2 O5 1'
#
# COMPACT_ATOMS: atom_id res chain seq x y z
N ARG A 17 -10.04 -11.20 -17.96
CA ARG A 17 -10.46 -11.84 -19.26
C ARG A 17 -9.47 -11.55 -20.37
N GLY A 18 -9.19 -12.55 -21.19
CA GLY A 18 -8.56 -12.31 -22.49
C GLY A 18 -7.05 -12.35 -22.53
N SER A 19 -6.40 -12.26 -21.37
CA SER A 19 -4.95 -12.50 -21.29
C SER A 19 -4.61 -12.89 -19.87
N LYS A 20 -3.44 -13.45 -19.67
CA LYS A 20 -2.94 -13.71 -18.33
C LYS A 20 -2.44 -12.35 -17.84
N THR A 21 -2.61 -12.10 -16.57
CA THR A 21 -2.09 -10.92 -15.93
C THR A 21 -1.29 -11.39 -14.67
N PHE A 22 -0.50 -10.50 -14.10
CA PHE A 22 0.20 -10.78 -12.89
C PHE A 22 0.03 -9.59 -11.98
N ILE A 23 -0.67 -9.80 -10.88
CA ILE A 23 -1.01 -8.73 -9.96
C ILE A 23 -0.22 -8.88 -8.65
N ILE A 24 0.52 -7.82 -8.30
CA ILE A 24 1.33 -7.77 -7.08
C ILE A 24 0.77 -6.76 -6.11
N GLY A 25 0.54 -7.18 -4.86
CA GLY A 25 0.16 -6.29 -3.79
C GLY A 25 1.37 -5.97 -2.96
N ILE A 26 1.58 -4.69 -2.66
CA ILE A 26 2.68 -4.27 -1.77
C ILE A 26 2.06 -3.38 -0.74
N SER A 27 2.01 -3.85 0.51
CA SER A 27 1.51 -3.05 1.64
C SER A 27 2.59 -3.00 2.70
N GLY A 28 2.22 -2.44 3.87
CA GLY A 28 3.17 -2.23 4.93
C GLY A 28 2.79 -1.00 5.74
N VAL A 29 3.52 -0.76 6.83
CA VAL A 29 3.26 0.42 7.64
C VAL A 29 3.61 1.69 6.84
N THR A 30 2.96 2.82 7.19
CA THR A 30 3.30 4.10 6.60
C THR A 30 4.81 4.34 6.64
N ASN A 31 5.32 4.92 5.55
CA ASN A 31 6.74 5.17 5.36
C ASN A 31 7.70 3.99 5.37
N SER A 32 7.18 2.80 5.11
CA SER A 32 8.04 1.60 4.98
C SER A 32 8.74 1.49 3.62
N GLY A 33 8.43 2.41 2.69
CA GLY A 33 9.09 2.49 1.40
C GLY A 33 8.28 1.85 0.28
N LYS A 34 6.96 1.72 0.48
CA LYS A 34 6.05 1.04 -0.52
C LYS A 34 6.05 1.74 -1.88
N THR A 35 5.95 3.06 -1.88
CA THR A 35 5.80 3.82 -3.12
C THR A 35 7.10 3.79 -3.92
N THR A 36 8.21 4.01 -3.23
CA THR A 36 9.54 3.88 -3.81
C THR A 36 9.78 2.48 -4.44
N LEU A 37 9.40 1.43 -3.71
CA LEU A 37 9.62 0.03 -4.19
C LEU A 37 8.78 -0.23 -5.45
N ALA A 38 7.52 0.14 -5.41
CA ALA A 38 6.63 -0.01 -6.58
C ALA A 38 7.18 0.68 -7.79
N LYS A 39 7.63 1.91 -7.60
CA LYS A 39 8.16 2.75 -8.70
C LYS A 39 9.44 2.15 -9.26
N ASN A 40 10.30 1.67 -8.36
CA ASN A 40 11.55 1.05 -8.78
C ASN A 40 11.28 -0.22 -9.53
N LEU A 41 10.30 -1.01 -9.07
CA LEU A 41 9.96 -2.24 -9.80
C LEU A 41 9.42 -1.89 -11.21
N GLN A 42 8.50 -0.93 -11.28
CA GLN A 42 7.89 -0.50 -12.56
C GLN A 42 8.95 -0.03 -13.58
N LYS A 43 10.00 0.65 -13.10
CA LYS A 43 11.11 1.07 -13.97
C LYS A 43 11.79 -0.09 -14.65
N HIS A 44 11.78 -1.28 -14.06
CA HIS A 44 12.56 -2.41 -14.58
C HIS A 44 11.78 -3.63 -15.06
N LEU A 45 10.45 -3.51 -15.08
CA LEU A 45 9.59 -4.54 -15.60
C LEU A 45 8.84 -4.02 -16.84
N PRO A 46 8.61 -4.89 -17.85
CA PRO A 46 7.85 -4.50 -19.02
C PRO A 46 6.36 -4.52 -18.74
N ASN A 47 5.62 -3.67 -19.45
CA ASN A 47 4.16 -3.67 -19.41
C ASN A 47 3.64 -3.70 -17.98
N CYS A 48 4.18 -2.78 -17.18
CA CYS A 48 3.93 -2.73 -15.74
C CYS A 48 3.28 -1.44 -15.36
N SER A 49 2.07 -1.55 -14.79
CA SER A 49 1.36 -0.41 -14.20
C SER A 49 1.42 -0.41 -12.67
N VAL A 50 1.28 0.77 -12.09
CA VAL A 50 1.23 0.93 -10.63
C VAL A 50 0.02 1.76 -10.26
N ILE A 51 -0.78 1.22 -9.37
CA ILE A 51 -1.89 1.98 -8.75
C ILE A 51 -1.51 2.15 -7.25
N SER A 52 -1.45 3.41 -6.84
CA SER A 52 -1.07 3.81 -5.49
CA SER A 52 -1.05 3.80 -5.49
C SER A 52 -2.27 4.20 -4.67
N GLN A 53 -2.47 3.53 -3.54
CA GLN A 53 -3.54 3.88 -2.63
C GLN A 53 -3.44 5.33 -2.18
N ASP A 54 -2.22 5.87 -2.17
CA ASP A 54 -1.96 7.26 -1.77
C ASP A 54 -2.79 8.26 -2.59
N ASP A 55 -3.21 7.84 -3.80
CA ASP A 55 -3.96 8.69 -4.72
C ASP A 55 -5.45 8.79 -4.46
N PHE A 56 -5.97 8.02 -3.52
CA PHE A 56 -7.43 7.86 -3.40
C PHE A 56 -8.00 8.27 -2.06
N PHE A 57 -7.22 9.01 -1.29
CA PHE A 57 -7.72 9.63 -0.07
C PHE A 57 -8.82 10.66 -0.36
N LYS A 58 -9.83 10.71 0.51
CA LYS A 58 -10.85 11.75 0.43
C LYS A 58 -10.18 13.08 0.79
N PRO A 59 -10.79 14.23 0.38
CA PRO A 59 -10.25 15.55 0.77
C PRO A 59 -10.48 15.78 2.29
N GLU A 60 -9.65 16.64 2.91
CA GLU A 60 -9.70 16.86 4.38
C GLU A 60 -11.12 17.17 4.85
N SER A 61 -11.85 17.94 4.04
CA SER A 61 -13.24 18.31 4.32
C SER A 61 -14.20 17.14 4.56
N GLU A 62 -13.81 15.94 4.15
CA GLU A 62 -14.67 14.75 4.26
C GLU A 62 -14.17 13.75 5.30
N ILE A 63 -13.05 14.06 5.96
CA ILE A 63 -12.45 13.18 6.96
C ILE A 63 -13.08 13.44 8.33
N GLU A 64 -13.34 12.37 9.06
CA GLU A 64 -13.89 12.44 10.42
C GLU A 64 -12.81 12.77 11.43
N THR A 65 -13.25 13.22 12.58
CA THR A 65 -12.35 13.38 13.73
C THR A 65 -12.90 12.59 14.92
N ASP A 66 -12.00 12.00 15.70
CA ASP A 66 -12.40 11.09 16.79
C ASP A 66 -12.60 11.85 18.11
N LYS A 67 -12.85 11.10 19.19
CA LYS A 67 -13.10 11.69 20.51
C LYS A 67 -11.99 12.66 20.93
N ASN A 68 -10.73 12.30 20.65
CA ASN A 68 -9.58 13.13 21.01
C ASN A 68 -9.15 14.16 19.93
N GLY A 69 -10.04 14.44 18.98
CA GLY A 69 -9.77 15.46 17.96
C GLY A 69 -8.76 15.11 16.87
N PHE A 70 -8.44 13.82 16.73
CA PHE A 70 -7.52 13.33 15.66
C PHE A 70 -8.28 13.08 14.36
N LEU A 71 -7.79 13.62 13.25
CA LEU A 71 -8.38 13.33 11.92
C LEU A 71 -8.20 11.83 11.62
N GLN A 72 -9.27 11.19 11.13
CA GLN A 72 -9.27 9.72 10.95
C GLN A 72 -8.79 9.39 9.54
N TYR A 73 -7.48 9.44 9.34
CA TYR A 73 -6.85 9.19 8.03
C TYR A 73 -6.39 7.76 7.85
N ASP A 74 -6.17 7.02 8.92
CA ASP A 74 -5.48 5.75 8.83
C ASP A 74 -6.39 4.54 8.97
N VAL A 75 -7.54 4.66 8.31
CA VAL A 75 -8.59 3.64 8.28
C VAL A 75 -9.18 3.64 6.86
N LEU A 76 -9.79 2.52 6.45
CA LEU A 76 -10.36 2.45 5.09
C LEU A 76 -11.45 3.50 4.82
N GLU A 77 -12.09 4.03 5.84
CA GLU A 77 -13.14 5.07 5.64
C GLU A 77 -12.55 6.41 5.13
N ALA A 78 -11.24 6.60 5.23
CA ALA A 78 -10.59 7.82 4.75
C ALA A 78 -10.36 7.83 3.23
N LEU A 79 -10.67 6.72 2.58
CA LEU A 79 -10.27 6.52 1.17
C LEU A 79 -11.47 6.29 0.33
N ASN A 80 -11.41 6.72 -0.92
CA ASN A 80 -12.42 6.34 -1.88
C ASN A 80 -12.05 5.00 -2.49
N MSE A 81 -12.48 3.92 -1.84
CA MSE A 81 -12.15 2.57 -2.26
C MSE A 81 -13.01 2.10 -3.46
O MSE A 81 -12.66 1.13 -4.12
CB MSE A 81 -12.27 1.59 -1.09
CG MSE A 81 -11.15 1.74 -0.02
SE MSE A 81 -9.33 1.70 -0.78
CE MSE A 81 -9.12 -0.22 -0.87
N GLU A 82 -14.15 2.77 -3.70
CA GLU A 82 -14.95 2.52 -4.93
C GLU A 82 -14.18 3.06 -6.17
N LYS A 83 -13.65 4.26 -6.05
CA LYS A 83 -12.82 4.84 -7.09
C LYS A 83 -11.50 4.04 -7.32
N MSE A 84 -10.87 3.56 -6.25
CA MSE A 84 -9.64 2.77 -6.43
C MSE A 84 -9.96 1.41 -7.06
O MSE A 84 -9.24 0.91 -7.90
CB MSE A 84 -8.93 2.51 -5.10
CG MSE A 84 -7.57 1.82 -5.29
SE MSE A 84 -6.65 1.61 -3.57
CE MSE A 84 -5.04 0.77 -4.19
N MSE A 85 -11.07 0.81 -6.62
CA MSE A 85 -11.50 -0.49 -7.15
C MSE A 85 -11.87 -0.35 -8.62
O MSE A 85 -11.63 -1.27 -9.43
CB MSE A 85 -12.70 -1.01 -6.33
CG MSE A 85 -12.59 -2.42 -5.84
SE MSE A 85 -10.83 -3.02 -5.16
CE MSE A 85 -10.96 -4.58 -6.29
N SER A 86 -12.47 0.79 -8.97
CA SER A 86 -12.77 1.10 -10.35
C SER A 86 -11.53 1.16 -11.24
N ALA A 87 -10.48 1.82 -10.77
CA ALA A 87 -9.21 1.91 -11.47
C ALA A 87 -8.56 0.54 -11.63
N ILE A 88 -8.62 -0.27 -10.56
CA ILE A 88 -8.10 -1.65 -10.61
C ILE A 88 -8.88 -2.52 -11.59
N SER A 89 -10.21 -2.43 -11.54
CA SER A 89 -11.08 -3.16 -12.49
C SER A 89 -10.85 -2.75 -13.93
N CYS A 90 -10.69 -1.43 -14.14
CA CYS A 90 -10.39 -0.88 -15.47
C CYS A 90 -9.05 -1.34 -16.03
N TRP A 91 -8.02 -1.37 -15.18
CA TRP A 91 -6.74 -1.99 -15.57
C TRP A 91 -6.92 -3.42 -16.07
N MSE A 92 -7.68 -4.21 -15.32
CA MSE A 92 -7.91 -5.59 -15.68
C MSE A 92 -8.70 -5.73 -16.98
O MSE A 92 -8.39 -6.56 -17.81
CB MSE A 92 -8.69 -6.28 -14.56
CG MSE A 92 -7.92 -6.41 -13.25
SE MSE A 92 -9.01 -7.37 -11.86
CE MSE A 92 -8.22 -9.13 -12.08
N GLU A 93 -9.76 -4.98 -17.10
CA GLU A 93 -10.57 -4.95 -18.30
C GLU A 93 -9.75 -4.53 -19.56
N SER A 94 -8.80 -3.59 -19.39
CA SER A 94 -8.02 -3.11 -20.52
C SER A 94 -6.65 -3.83 -20.78
N ALA A 95 -6.20 -4.67 -19.86
CA ALA A 95 -4.91 -5.37 -19.94
C ALA A 95 -4.70 -6.10 -21.25
N ARG A 96 -5.71 -6.83 -21.69
CA ARG A 96 -5.57 -7.62 -22.93
C ARG A 96 -5.25 -6.75 -24.13
N HIS A 97 -5.64 -5.48 -24.08
CA HIS A 97 -5.42 -4.57 -25.23
C HIS A 97 -4.00 -4.13 -25.38
N SER A 98 -3.22 -4.29 -24.31
CA SER A 98 -1.82 -3.85 -24.26
C SER A 98 -0.86 -4.91 -24.80
N VAL A 99 -1.38 -6.06 -25.15
CA VAL A 99 -0.52 -7.20 -25.55
C VAL A 99 -0.50 -7.26 -27.07
N ILE A 110 2.80 -10.90 -20.40
CA ILE A 110 1.86 -10.87 -19.31
C ILE A 110 1.91 -9.46 -18.70
N PRO A 111 0.81 -8.67 -18.87
CA PRO A 111 0.64 -7.39 -18.19
C PRO A 111 0.79 -7.54 -16.68
N ILE A 112 1.56 -6.62 -16.08
CA ILE A 112 1.79 -6.59 -14.64
C ILE A 112 1.11 -5.36 -14.03
N LEU A 113 0.42 -5.59 -12.90
CA LEU A 113 -0.14 -4.51 -12.08
C LEU A 113 0.42 -4.61 -10.66
N ILE A 114 1.03 -3.53 -10.20
CA ILE A 114 1.43 -3.40 -8.79
C ILE A 114 0.44 -2.43 -8.13
N ILE A 115 -0.24 -2.91 -7.11
CA ILE A 115 -1.12 -2.11 -6.27
C ILE A 115 -0.38 -1.97 -4.96
N GLU A 116 -0.17 -0.72 -4.53
CA GLU A 116 0.68 -0.45 -3.34
C GLU A 116 -0.07 0.51 -2.44
N GLY A 117 -0.04 0.25 -1.13
CA GLY A 117 -0.84 1.00 -0.19
C GLY A 117 -0.74 0.46 1.21
N PHE A 118 -0.93 1.34 2.19
CA PHE A 118 -0.92 0.92 3.59
C PHE A 118 -2.13 0.13 4.11
N LEU A 119 -3.23 0.05 3.35
CA LEU A 119 -4.40 -0.73 3.78
C LEU A 119 -4.96 -1.54 2.63
N LEU A 120 -4.32 -2.66 2.36
CA LEU A 120 -4.71 -3.50 1.24
C LEU A 120 -5.23 -4.84 1.67
N PHE A 121 -4.53 -5.46 2.62
CA PHE A 121 -4.76 -6.84 2.92
C PHE A 121 -5.91 -7.10 3.91
N ASN A 122 -6.60 -6.02 4.30
CA ASN A 122 -7.84 -6.04 5.10
C ASN A 122 -9.07 -5.64 4.27
N TYR A 123 -8.88 -5.50 2.94
CA TYR A 123 -9.96 -5.10 2.07
C TYR A 123 -10.40 -6.30 1.22
N LYS A 124 -11.50 -6.93 1.64
CA LYS A 124 -11.86 -8.29 1.18
C LYS A 124 -12.01 -8.45 -0.32
N PRO A 125 -12.58 -7.44 -1.02
CA PRO A 125 -12.71 -7.53 -2.48
C PRO A 125 -11.36 -7.79 -3.23
N LEU A 126 -10.22 -7.41 -2.64
CA LEU A 126 -8.93 -7.65 -3.24
C LEU A 126 -8.31 -9.00 -2.92
N ASP A 127 -8.85 -9.74 -1.92
CA ASP A 127 -8.19 -10.95 -1.40
C ASP A 127 -7.81 -11.94 -2.49
N THR A 128 -8.69 -12.08 -3.48
CA THR A 128 -8.55 -13.13 -4.48
C THR A 128 -7.78 -12.64 -5.72
N ILE A 129 -7.46 -11.35 -5.78
CA ILE A 129 -6.79 -10.81 -6.96
C ILE A 129 -5.26 -11.03 -6.95
N TRP A 130 -4.66 -11.18 -5.78
CA TRP A 130 -3.21 -11.17 -5.67
C TRP A 130 -2.57 -12.40 -6.25
N ASN A 131 -1.56 -12.21 -7.08
CA ASN A 131 -0.67 -13.31 -7.45
C ASN A 131 0.58 -13.33 -6.59
N ARG A 132 0.98 -12.17 -6.07
CA ARG A 132 2.08 -12.08 -5.09
C ARG A 132 1.72 -10.98 -4.13
N SER A 133 2.02 -11.17 -2.84
CA SER A 133 1.68 -10.20 -1.78
C SER A 133 2.91 -10.01 -0.92
N TYR A 134 3.31 -8.74 -0.77
CA TYR A 134 4.47 -8.33 0.01
C TYR A 134 4.06 -7.36 1.05
N PHE A 135 4.71 -7.46 2.23
CA PHE A 135 4.40 -6.57 3.36
C PHE A 135 5.69 -6.02 3.94
N LEU A 136 5.86 -4.69 3.86
CA LEU A 136 7.06 -4.02 4.33
C LEU A 136 6.92 -3.65 5.81
N THR A 137 7.87 -4.09 6.61
CA THR A 137 7.84 -3.79 8.04
C THR A 137 9.06 -3.01 8.45
N ILE A 138 8.85 -1.99 9.28
CA ILE A 138 9.95 -1.30 9.96
C ILE A 138 9.62 -1.04 11.45
N PRO A 139 10.65 -0.93 12.27
CA PRO A 139 10.39 -0.65 13.67
C PRO A 139 9.60 0.64 13.91
N TYR A 140 8.95 0.72 15.04
CA TYR A 140 8.23 1.89 15.41
C TYR A 140 9.15 3.13 15.43
N GLU A 141 10.37 2.99 15.92
CA GLU A 141 11.23 4.17 16.08
C GLU A 141 11.61 4.70 14.71
N GLU A 142 12.00 3.79 13.81
CA GLU A 142 12.35 4.17 12.47
C GLU A 142 11.12 4.69 11.70
N CYS A 143 9.95 4.08 11.90
CA CYS A 143 8.73 4.57 11.30
C CYS A 143 8.44 6.01 11.73
N LYS A 144 8.63 6.28 13.04
CA LYS A 144 8.31 7.60 13.57
C LYS A 144 9.30 8.61 12.99
N ARG A 145 10.56 8.20 12.88
CA ARG A 145 11.62 9.04 12.35
C ARG A 145 11.33 9.48 10.93
N ARG A 146 11.12 8.50 10.05
CA ARG A 146 10.73 8.77 8.67
C ARG A 146 9.50 9.67 8.54
N ARG A 147 8.47 9.39 9.34
CA ARG A 147 7.23 10.13 9.32
C ARG A 147 7.50 11.60 9.56
N SER A 148 8.38 11.90 10.51
CA SER A 148 8.70 13.30 10.86
CA SER A 148 8.67 13.31 10.86
C SER A 148 9.42 14.04 9.73
N THR A 149 10.08 13.30 8.85
CA THR A 149 10.70 13.92 7.68
C THR A 149 9.68 14.29 6.57
N ARG A 150 8.44 13.78 6.67
CA ARG A 150 7.42 14.00 5.63
C ARG A 150 6.54 15.19 5.99
N VAL A 151 6.01 15.86 4.97
CA VAL A 151 4.92 16.79 5.15
C VAL A 151 3.71 16.24 4.40
N TYR A 152 2.64 15.93 5.13
CA TYR A 152 1.41 15.50 4.50
C TYR A 152 0.54 16.71 4.34
N GLN A 153 -0.54 16.55 3.58
CA GLN A 153 -1.56 17.57 3.48
C GLN A 153 -2.91 17.00 3.85
N PRO A 154 -3.45 17.33 5.06
CA PRO A 154 -2.91 18.21 6.13
C PRO A 154 -1.70 17.64 6.83
N PRO A 155 -0.91 18.51 7.50
CA PRO A 155 0.24 18.03 8.24
C PRO A 155 -0.19 17.27 9.48
N ASP A 156 0.66 16.33 9.90
CA ASP A 156 0.43 15.60 11.12
C ASP A 156 0.31 16.61 12.24
N SER A 157 -0.81 16.55 12.95
CA SER A 157 -1.06 17.32 14.17
C SER A 157 -0.15 16.80 15.30
N PRO A 158 0.04 17.62 16.35
CA PRO A 158 0.97 17.18 17.40
C PRO A 158 0.48 15.89 18.07
N GLY A 159 1.37 14.92 18.27
CA GLY A 159 1.02 13.64 18.89
C GLY A 159 0.15 12.76 17.97
N TYR A 160 0.15 13.05 16.65
CA TYR A 160 -0.69 12.29 15.68
C TYR A 160 -0.19 10.88 15.53
N PHE A 161 1.14 10.73 15.51
CA PHE A 161 1.73 9.45 15.22
C PHE A 161 1.41 8.40 16.30
N ASP A 162 1.67 8.76 17.57
CA ASP A 162 1.33 7.92 18.72
C ASP A 162 -0.16 7.87 18.99
N GLY A 163 -0.86 8.95 18.68
CA GLY A 163 -2.29 9.05 18.94
C GLY A 163 -3.19 8.40 17.89
N HIS A 164 -2.74 8.36 16.64
CA HIS A 164 -3.57 7.83 15.56
C HIS A 164 -2.84 6.81 14.65
N VAL A 165 -1.74 7.23 14.06
CA VAL A 165 -1.03 6.39 13.07
C VAL A 165 -0.65 5.00 13.63
N TRP A 166 0.09 4.94 14.73
CA TRP A 166 0.56 3.62 15.22
C TRP A 166 -0.61 2.74 15.74
N PRO A 167 -1.52 3.31 16.56
CA PRO A 167 -2.70 2.49 16.92
C PRO A 167 -3.47 1.90 15.71
N MSE A 168 -3.70 2.70 14.67
CA MSE A 168 -4.44 2.23 13.49
C MSE A 168 -3.65 1.18 12.70
O MSE A 168 -4.21 0.24 12.16
CB MSE A 168 -4.81 3.40 12.59
CG MSE A 168 -5.85 4.33 13.16
SE MSE A 168 -7.54 3.43 13.76
CE MSE A 168 -6.90 2.65 15.43
N TYR A 169 -2.35 1.37 12.65
CA TYR A 169 -1.48 0.36 12.09
C TYR A 169 -1.61 -1.02 12.81
N LEU A 170 -1.70 -0.99 14.14
CA LEU A 170 -1.89 -2.23 14.92
C LEU A 170 -3.27 -2.84 14.73
N LYS A 171 -4.28 -2.02 14.54
CA LYS A 171 -5.61 -2.47 14.19
C LYS A 171 -5.56 -3.25 12.87
N TYR A 172 -4.88 -2.67 11.90
CA TYR A 172 -4.62 -3.34 10.61
C TYR A 172 -3.97 -4.70 10.73
N ARG A 173 -2.87 -4.76 11.45
CA ARG A 173 -2.09 -5.98 11.59
C ARG A 173 -2.96 -7.07 12.20
N GLN A 174 -3.77 -6.71 13.20
CA GLN A 174 -4.64 -7.72 13.78
C GLN A 174 -5.82 -8.09 12.85
N GLU A 175 -6.35 -7.14 12.09
CA GLU A 175 -7.31 -7.49 11.02
C GLU A 175 -6.68 -8.49 10.03
N MSE A 176 -5.37 -8.39 9.84
CA MSE A 176 -4.64 -9.27 8.90
C MSE A 176 -4.42 -10.68 9.41
O MSE A 176 -3.91 -11.56 8.65
CB MSE A 176 -3.28 -8.66 8.55
CG MSE A 176 -3.37 -7.47 7.55
SE MSE A 176 -1.63 -6.77 7.21
CE MSE A 176 -0.68 -8.36 6.62
N GLN A 177 -4.81 -10.93 10.65
CA GLN A 177 -4.66 -12.27 11.24
C GLN A 177 -5.56 -13.32 10.55
N ASP A 178 -6.65 -12.90 9.94
CA ASP A 178 -7.55 -13.84 9.23
C ASP A 178 -7.12 -14.24 7.76
N ILE A 179 -6.02 -13.64 7.25
CA ILE A 179 -5.52 -13.88 5.88
C ILE A 179 -5.16 -15.37 5.62
N THR A 180 -5.65 -15.89 4.50
CA THR A 180 -5.48 -17.29 4.17
C THR A 180 -4.39 -17.54 3.11
N TRP A 181 -3.93 -16.50 2.44
CA TRP A 181 -2.89 -16.64 1.42
C TRP A 181 -1.55 -16.25 1.97
N GLU A 182 -0.50 -16.52 1.21
CA GLU A 182 0.85 -16.29 1.64
C GLU A 182 1.25 -14.82 1.43
N VAL A 183 1.75 -14.21 2.49
CA VAL A 183 2.26 -12.85 2.45
C VAL A 183 3.73 -12.91 2.76
N VAL A 184 4.53 -12.29 1.92
CA VAL A 184 5.95 -12.30 2.12
C VAL A 184 6.33 -11.05 2.87
N TYR A 185 6.85 -11.21 4.08
CA TYR A 185 7.25 -10.08 4.92
C TYR A 185 8.67 -9.67 4.62
N LEU A 186 8.84 -8.37 4.35
CA LEU A 186 10.09 -7.80 3.93
C LEU A 186 10.59 -6.80 4.94
N ASP A 187 11.91 -6.77 5.14
CA ASP A 187 12.55 -5.85 6.09
C ASP A 187 12.83 -4.48 5.44
N GLY A 188 11.93 -3.53 5.65
CA GLY A 188 12.05 -2.18 5.08
C GLY A 188 13.18 -1.27 5.58
N THR A 189 14.05 -1.77 6.47
CA THR A 189 15.24 -1.06 6.87
C THR A 189 16.39 -1.40 5.92
N LYS A 190 16.20 -2.42 5.06
CA LYS A 190 17.14 -2.66 3.98
C LYS A 190 17.08 -1.49 3.06
N SER A 191 18.15 -1.28 2.30
CA SER A 191 18.25 -0.16 1.39
C SER A 191 17.18 -0.30 0.33
N GLU A 192 16.87 0.81 -0.33
CA GLU A 192 15.90 0.83 -1.41
C GLU A 192 16.29 -0.17 -2.49
N GLU A 193 17.58 -0.21 -2.82
CA GLU A 193 18.09 -1.12 -3.87
C GLU A 193 18.01 -2.61 -3.44
N ASP A 194 18.33 -2.91 -2.19
CA ASP A 194 18.18 -4.29 -1.67
C ASP A 194 16.71 -4.75 -1.72
N LEU A 195 15.79 -3.87 -1.32
CA LEU A 195 14.35 -4.20 -1.35
C LEU A 195 13.86 -4.48 -2.78
N PHE A 196 14.26 -3.63 -3.72
CA PHE A 196 13.96 -3.85 -5.15
C PHE A 196 14.45 -5.23 -5.61
N LEU A 197 15.70 -5.49 -5.30
CA LEU A 197 16.37 -6.67 -5.78
C LEU A 197 15.76 -7.89 -5.19
N GLN A 198 15.44 -7.84 -3.90
CA GLN A 198 14.77 -8.95 -3.26
C GLN A 198 13.42 -9.31 -3.88
N VAL A 199 12.60 -8.30 -4.22
CA VAL A 199 11.31 -8.57 -4.84
C VAL A 199 11.47 -8.98 -6.30
N TYR A 200 12.35 -8.29 -6.98
CA TYR A 200 12.67 -8.61 -8.38
C TYR A 200 13.10 -10.07 -8.53
N GLU A 201 14.08 -10.48 -7.72
CA GLU A 201 14.56 -11.88 -7.77
C GLU A 201 13.42 -12.85 -7.57
N ASP A 202 12.54 -12.53 -6.62
CA ASP A 202 11.33 -13.31 -6.35
C ASP A 202 10.39 -13.38 -7.54
N LEU A 203 10.22 -12.27 -8.26
CA LEU A 203 9.22 -12.18 -9.34
C LEU A 203 9.61 -12.93 -10.60
N ILE A 204 10.86 -12.84 -10.98
CA ILE A 204 11.32 -13.58 -12.15
C ILE A 204 11.40 -15.10 -11.85
N GLN A 205 11.40 -15.48 -10.57
CA GLN A 205 11.22 -16.88 -10.16
C GLN A 205 9.75 -17.22 -10.07
MG MG B . 3.33 5.83 -0.37
PG ANP C . 3.49 6.60 2.80
O1G ANP C . 2.68 6.35 1.53
O2G ANP C . 3.40 8.12 3.09
O3G ANP C . 2.93 5.83 3.95
PB ANP C . 5.59 4.97 1.68
O1B ANP C . 5.52 3.79 2.47
O2B ANP C . 5.02 4.97 0.28
N3B ANP C . 5.08 6.34 2.49
PA ANP C . 7.95 6.12 0.48
O1A ANP C . 7.11 7.31 0.29
O2A ANP C . 8.39 5.25 -0.64
O3A ANP C . 7.21 5.29 1.59
O5' ANP C . 9.29 6.55 1.29
C5' ANP C . 9.04 7.33 2.51
C4' ANP C . 10.30 7.92 3.10
O4' ANP C . 11.22 6.81 3.42
C3' ANP C . 11.02 8.78 2.08
O3' ANP C . 11.87 9.68 2.79
C2' ANP C . 11.88 7.77 1.36
O2' ANP C . 13.01 8.44 0.78
C1' ANP C . 12.34 6.88 2.52
N9 ANP C . 12.61 5.49 2.14
C8 ANP C . 11.90 4.74 1.27
N7 ANP C . 12.44 3.50 1.20
C5 ANP C . 13.50 3.49 2.04
C6 ANP C . 14.44 2.50 2.37
N6 ANP C . 14.37 1.29 1.82
N1 ANP C . 15.41 2.81 3.25
C2 ANP C . 15.49 4.04 3.82
N3 ANP C . 14.60 5.02 3.53
C4 ANP C . 13.61 4.75 2.63
O2R NNR D . -2.01 9.35 7.72
C2R NNR D . -1.97 8.86 6.32
C3R NNR D . -1.34 7.47 6.18
O3R NNR D . -0.64 7.10 7.36
C4R NNR D . -0.35 7.62 4.99
C5R NNR D . -0.42 6.41 3.99
O5R NNR D . -0.34 6.89 2.67
O4R NNR D . -0.71 8.86 4.32
C1R NNR D . -1.05 9.72 5.45
N1 NNR D . -1.83 10.91 4.98
C2 NNR D . -2.25 11.01 3.64
C6 NNR D . -2.20 11.92 5.90
C5 NNR D . -2.94 13.02 5.45
C4 NNR D . -3.32 13.11 4.12
C3 NNR D . -2.97 12.11 3.21
C7 NNR D . -3.41 12.21 1.74
O7 NNR D . -4.46 12.75 1.47
N7 NNR D . -2.61 11.67 0.84
#